data_6WVN
#
_entry.id   6WVN
#
_cell.length_a   169.372
_cell.length_b   169.372
_cell.length_c   52.083
_cell.angle_alpha   90.000
_cell.angle_beta   90.000
_cell.angle_gamma   120.000
#
_symmetry.space_group_name_H-M   'P 31 2 1'
#
loop_
_entity.id
_entity.type
_entity.pdbx_description
1 polymer "2'-O-methyltransferase"
2 polymer 'Non-structural protein 10'
3 non-polymer 'CHLORIDE ION'
4 non-polymer S-ADENOSYLMETHIONINE
5 non-polymer "P1-7-METHYLGUANOSINE-P3-ADENOSINE-5',5'-TRIPHOSPHATE"
6 non-polymer "7-METHYL-GUANOSINE-5'-TRIPHOSPHATE"
7 non-polymer ADENINE
8 non-polymer 'SULFATE ION'
9 non-polymer 'ZINC ION'
10 water water
#
loop_
_entity_poly.entity_id
_entity_poly.type
_entity_poly.pdbx_seq_one_letter_code
_entity_poly.pdbx_strand_id
1 'polypeptide(L)'
;SNASSQAWQPGVAMPNLYKMQRMLLEKCDLQNYGDSATLPKGIMMNVAKYTQLCQYLNTLTLAVPYNMRVIHFGAGSDKG
VAPGTAVLRQWLPTGTLLVDSDLNDFVSDADSTLIGDCATVHTANKWDLIISDMYDPKTKNVTKENDSKEGFFTYICGFI
QQKLALGGSVAIKITEHSWNADLYKLMGHFAWWTAFVTNVNASSSEAFLIGCNYLGKPREQIDGYVMHANYIFWRNTNPI
QLSSYSLFDMSKFPLKLRGTAVMSLKEGQINDMILSLLSKGRLIIRENNRVVISSDVLVNN
;
A
2 'polypeptide(L)'
;SNAAGNATEVPANSTVLSFCAFAVDAAKAYKDYLASGGQPITNCVKMLCTHTGTGQAITVTPEANMDQESFGGASCCLYC
RCHIDHPNPKGFCDLKGKYVQIPTTCANDPVGFTLKNTVCTVCGMWKGYGCSCDQLREPMLQ
;
B
#
# COMPACT_ATOMS: atom_id res chain seq x y z
N ALA A 3 23.65 7.42 -12.55
CA ALA A 3 24.86 6.86 -13.23
C ALA A 3 24.76 5.32 -13.28
N SER A 4 24.54 4.67 -12.13
CA SER A 4 24.40 3.20 -12.02
C SER A 4 23.22 2.71 -12.86
N SER A 5 23.34 1.54 -13.51
CA SER A 5 22.24 0.99 -14.35
C SER A 5 21.00 0.70 -13.49
N GLN A 6 21.22 0.29 -12.23
CA GLN A 6 20.08 -0.03 -11.33
C GLN A 6 19.29 1.25 -11.01
N ALA A 7 19.81 2.42 -11.39
CA ALA A 7 19.11 3.72 -11.12
C ALA A 7 17.84 3.84 -11.97
N TRP A 8 17.74 3.13 -13.11
CA TRP A 8 16.51 3.20 -13.94
C TRP A 8 15.51 2.12 -13.51
N GLN A 9 15.90 1.27 -12.55
CA GLN A 9 15.01 0.21 -12.00
C GLN A 9 14.20 0.84 -10.87
N PRO A 10 13.07 0.22 -10.45
CA PRO A 10 12.30 0.75 -9.33
C PRO A 10 13.06 0.59 -8.00
N GLY A 11 14.05 -0.30 -7.99
CA GLY A 11 14.83 -0.57 -6.78
C GLY A 11 15.81 -1.71 -7.01
N VAL A 12 16.33 -2.28 -5.92
CA VAL A 12 17.35 -3.35 -6.04
C VAL A 12 16.97 -4.49 -5.13
N ALA A 13 17.02 -5.71 -5.66
CA ALA A 13 16.73 -6.94 -4.88
C ALA A 13 18.05 -7.52 -4.38
N MET A 14 18.02 -8.13 -3.21
CA MET A 14 19.23 -8.75 -2.60
C MET A 14 19.75 -9.86 -3.52
N PRO A 15 20.98 -9.74 -4.08
CA PRO A 15 21.51 -10.78 -4.96
C PRO A 15 21.64 -12.16 -4.27
N ASN A 16 21.47 -13.21 -5.06
CA ASN A 16 21.49 -14.62 -4.57
C ASN A 16 22.78 -14.93 -3.81
N LEU A 17 23.94 -14.46 -4.27
CA LEU A 17 25.20 -14.85 -3.57
C LEU A 17 25.18 -14.29 -2.14
N TYR A 18 24.59 -13.11 -1.90
CA TYR A 18 24.51 -12.55 -0.54
C TYR A 18 23.59 -13.43 0.34
N LYS A 19 22.55 -14.01 -0.25
CA LYS A 19 21.62 -14.89 0.52
C LYS A 19 22.35 -16.16 0.98
N MET A 20 23.37 -16.60 0.24
CA MET A 20 24.07 -17.87 0.53
C MET A 20 25.24 -17.68 1.50
N GLN A 21 25.43 -16.48 2.07
CA GLN A 21 26.57 -16.28 3.00
C GLN A 21 26.16 -16.72 4.40
N ARG A 22 27.10 -16.65 5.34
CA ARG A 22 26.79 -17.01 6.74
C ARG A 22 27.42 -15.91 7.61
N MET A 23 26.98 -14.67 7.37
CA MET A 23 27.53 -13.50 8.10
C MET A 23 27.00 -13.41 9.52
N LEU A 24 27.76 -12.74 10.38
CA LEU A 24 27.34 -12.41 11.76
C LEU A 24 26.73 -11.01 11.68
N LEU A 25 25.75 -10.71 12.53
CA LEU A 25 25.06 -9.40 12.41
C LEU A 25 26.01 -8.25 12.75
N GLU A 26 26.09 -7.28 11.84
N GLU A 26 26.13 -7.27 11.86
CA GLU A 26 26.93 -6.06 11.96
CA GLU A 26 26.97 -6.08 12.12
C GLU A 26 26.02 -4.84 12.10
C GLU A 26 26.06 -4.85 12.09
N LYS A 27 26.56 -3.72 12.59
CA LYS A 27 25.78 -2.45 12.63
C LYS A 27 25.62 -1.99 11.19
N CYS A 28 24.43 -1.50 10.82
CA CYS A 28 24.23 -1.02 9.42
C CYS A 28 24.81 0.39 9.32
N ASP A 29 25.64 0.63 8.29
CA ASP A 29 26.31 1.94 8.09
C ASP A 29 26.25 2.28 6.60
N LEU A 30 25.21 3.00 6.20
CA LEU A 30 25.01 3.42 4.78
C LEU A 30 25.76 4.73 4.53
N GLN A 31 26.56 4.80 3.46
CA GLN A 31 27.34 6.04 3.19
C GLN A 31 26.41 7.22 2.93
N ASN A 32 25.22 6.99 2.36
CA ASN A 32 24.28 8.11 2.06
C ASN A 32 23.15 8.16 3.10
N TYR A 33 23.36 7.54 4.27
CA TYR A 33 22.29 7.44 5.31
C TYR A 33 21.55 8.76 5.53
N GLY A 34 20.22 8.72 5.45
CA GLY A 34 19.38 9.91 5.73
C GLY A 34 19.15 10.79 4.50
N ASP A 35 19.98 10.69 3.46
CA ASP A 35 19.77 11.55 2.26
C ASP A 35 18.36 11.35 1.72
N SER A 36 17.74 12.44 1.27
CA SER A 36 16.35 12.38 0.73
C SER A 36 16.39 12.34 -0.80
N ALA A 37 15.51 11.56 -1.40
CA ALA A 37 15.43 11.47 -2.87
C ALA A 37 14.81 12.75 -3.42
N THR A 38 15.08 13.07 -4.69
CA THR A 38 14.46 14.23 -5.37
C THR A 38 13.19 13.68 -6.00
N LEU A 39 12.04 13.95 -5.40
CA LEU A 39 10.76 13.38 -5.89
C LEU A 39 10.11 14.33 -6.90
N PRO A 40 9.25 13.81 -7.80
CA PRO A 40 8.52 14.66 -8.73
C PRO A 40 7.72 15.67 -7.90
N LYS A 41 7.45 16.83 -8.48
CA LYS A 41 6.73 17.93 -7.78
C LYS A 41 5.44 17.44 -7.11
N GLY A 42 5.28 17.74 -5.81
CA GLY A 42 4.05 17.44 -5.05
C GLY A 42 3.81 15.96 -4.78
N ILE A 43 4.77 15.10 -5.10
CA ILE A 43 4.56 13.63 -4.83
C ILE A 43 5.09 13.30 -3.44
N MET A 44 4.28 12.59 -2.67
CA MET A 44 4.66 12.15 -1.29
C MET A 44 5.66 11.01 -1.37
N MET A 45 6.59 10.96 -0.41
CA MET A 45 7.59 9.87 -0.33
C MET A 45 6.89 8.50 -0.37
N ASN A 46 5.81 8.32 0.40
CA ASN A 46 5.14 6.99 0.45
C ASN A 46 4.43 6.68 -0.87
N VAL A 47 4.02 7.69 -1.63
CA VAL A 47 3.41 7.37 -2.97
C VAL A 47 4.54 6.85 -3.87
N ALA A 48 5.70 7.51 -3.83
CA ALA A 48 6.87 7.08 -4.64
C ALA A 48 7.34 5.68 -4.21
N LYS A 49 7.40 5.45 -2.90
CA LYS A 49 7.88 4.15 -2.33
C LYS A 49 6.96 3.01 -2.78
N TYR A 50 5.65 3.16 -2.55
CA TYR A 50 4.69 2.10 -2.95
C TYR A 50 4.67 1.94 -4.47
N THR A 51 4.82 3.04 -5.21
CA THR A 51 4.84 2.92 -6.68
C THR A 51 6.03 2.04 -7.09
N GLN A 52 7.22 2.28 -6.51
CA GLN A 52 8.40 1.45 -6.88
C GLN A 52 8.20 0.00 -6.41
N LEU A 53 7.62 -0.21 -5.23
CA LEU A 53 7.36 -1.61 -4.79
C LEU A 53 6.44 -2.29 -5.80
N CYS A 54 5.37 -1.61 -6.22
CA CYS A 54 4.42 -2.23 -7.20
C CYS A 54 5.10 -2.45 -8.54
N GLN A 55 5.94 -1.50 -8.98
CA GLN A 55 6.68 -1.68 -10.25
C GLN A 55 7.53 -2.94 -10.14
N TYR A 56 8.10 -3.19 -8.96
CA TYR A 56 8.96 -4.40 -8.81
C TYR A 56 8.05 -5.65 -8.75
N LEU A 57 6.94 -5.58 -8.04
CA LEU A 57 6.01 -6.76 -7.96
C LEU A 57 5.51 -7.13 -9.36
N ASN A 58 5.45 -6.15 -10.27
CA ASN A 58 5.02 -6.42 -11.67
C ASN A 58 6.00 -7.36 -12.37
N THR A 59 7.22 -7.52 -11.87
CA THR A 59 8.23 -8.38 -12.54
C THR A 59 8.22 -9.81 -11.96
N LEU A 60 7.38 -10.07 -10.96
CA LEU A 60 7.34 -11.40 -10.29
C LEU A 60 6.16 -12.22 -10.83
N THR A 61 6.15 -13.51 -10.50
CA THR A 61 5.07 -14.45 -10.94
C THR A 61 3.89 -14.37 -9.96
N LEU A 62 3.39 -13.17 -9.70
CA LEU A 62 2.24 -13.02 -8.76
C LEU A 62 0.99 -13.67 -9.35
N ALA A 63 0.22 -14.35 -8.49
CA ALA A 63 -1.09 -14.90 -8.86
C ALA A 63 -2.07 -13.72 -8.87
N VAL A 64 -2.87 -13.57 -9.93
CA VAL A 64 -3.83 -12.43 -10.01
C VAL A 64 -5.19 -12.98 -10.42
N PRO A 65 -5.95 -13.57 -9.47
CA PRO A 65 -7.25 -14.14 -9.79
C PRO A 65 -8.35 -13.08 -9.95
N TYR A 66 -9.49 -13.49 -10.50
CA TYR A 66 -10.66 -12.56 -10.49
C TYR A 66 -11.05 -12.41 -9.03
N ASN A 67 -11.62 -11.26 -8.65
CA ASN A 67 -12.07 -11.06 -7.25
C ASN A 67 -10.90 -11.32 -6.30
N MET A 68 -9.75 -10.75 -6.65
CA MET A 68 -8.50 -10.87 -5.85
C MET A 68 -8.74 -10.25 -4.47
N ARG A 69 -8.08 -10.78 -3.44
CA ARG A 69 -8.24 -10.30 -2.04
C ARG A 69 -6.88 -9.80 -1.53
N VAL A 70 -6.81 -8.52 -1.17
CA VAL A 70 -5.54 -7.93 -0.70
C VAL A 70 -5.77 -7.26 0.66
N ILE A 71 -4.86 -7.51 1.61
CA ILE A 71 -4.96 -6.85 2.94
C ILE A 71 -3.65 -6.08 3.17
N HIS A 72 -3.80 -4.83 3.62
CA HIS A 72 -2.68 -3.87 3.82
C HIS A 72 -2.60 -3.44 5.28
N PHE A 73 -1.59 -3.93 5.99
CA PHE A 73 -1.34 -3.56 7.42
C PHE A 73 -0.39 -2.36 7.49
N GLY A 74 -0.54 -1.52 8.51
CA GLY A 74 0.29 -0.31 8.65
C GLY A 74 -0.01 0.67 7.53
N ALA A 75 -1.29 0.79 7.15
CA ALA A 75 -1.75 1.66 6.04
C ALA A 75 -1.95 3.11 6.48
N GLY A 76 -2.02 3.38 7.78
CA GLY A 76 -2.23 4.76 8.26
C GLY A 76 -0.94 5.55 8.25
N SER A 77 -1.01 6.83 8.63
CA SER A 77 0.20 7.68 8.67
C SER A 77 -0.07 8.87 9.59
N ASP A 78 0.99 9.60 9.95
CA ASP A 78 0.86 10.82 10.80
C ASP A 78 0.06 11.88 10.03
N LYS A 79 -0.17 11.68 8.73
CA LYS A 79 -0.94 12.65 7.88
C LYS A 79 -2.44 12.40 8.02
N GLY A 80 -2.85 11.25 8.56
CA GLY A 80 -4.27 10.90 8.70
C GLY A 80 -4.85 10.37 7.39
N VAL A 81 -3.99 10.14 6.39
CA VAL A 81 -4.44 9.61 5.06
C VAL A 81 -3.65 8.33 4.76
N ALA A 82 -3.96 7.65 3.64
CA ALA A 82 -3.30 6.37 3.31
C ALA A 82 -2.71 6.41 1.90
N PRO A 83 -1.51 7.00 1.72
CA PRO A 83 -0.88 7.10 0.40
C PRO A 83 -0.63 5.71 -0.20
N GLY A 84 -0.08 4.79 0.61
CA GLY A 84 0.18 3.42 0.15
C GLY A 84 -1.09 2.74 -0.35
N THR A 85 -2.20 2.88 0.39
CA THR A 85 -3.48 2.25 -0.04
C THR A 85 -3.90 2.87 -1.39
N ALA A 86 -3.75 4.18 -1.55
CA ALA A 86 -4.12 4.84 -2.83
C ALA A 86 -3.31 4.22 -3.99
N VAL A 87 -2.03 3.95 -3.76
CA VAL A 87 -1.19 3.34 -4.85
C VAL A 87 -1.62 1.89 -5.08
N LEU A 88 -1.85 1.11 -4.02
CA LEU A 88 -2.28 -0.30 -4.22
C LEU A 88 -3.60 -0.35 -5.00
N ARG A 89 -4.55 0.52 -4.69
CA ARG A 89 -5.86 0.50 -5.39
C ARG A 89 -5.69 0.93 -6.86
N GLN A 90 -4.72 1.80 -7.13
CA GLN A 90 -4.42 2.24 -8.51
C GLN A 90 -3.80 1.05 -9.27
N TRP A 91 -2.92 0.31 -8.59
CA TRP A 91 -2.16 -0.83 -9.17
C TRP A 91 -3.04 -2.07 -9.41
N LEU A 92 -3.85 -2.43 -8.41
CA LEU A 92 -4.68 -3.66 -8.44
C LEU A 92 -5.80 -3.58 -9.47
N PRO A 93 -6.18 -4.71 -10.07
CA PRO A 93 -7.29 -4.73 -11.04
C PRO A 93 -8.57 -4.17 -10.40
N THR A 94 -9.40 -3.50 -11.18
CA THR A 94 -10.68 -2.94 -10.69
C THR A 94 -11.50 -4.09 -10.10
N GLY A 95 -12.16 -3.85 -8.96
CA GLY A 95 -12.97 -4.90 -8.34
C GLY A 95 -12.17 -5.70 -7.32
N THR A 96 -10.86 -5.47 -7.27
CA THR A 96 -10.04 -6.19 -6.27
C THR A 96 -10.53 -5.77 -4.88
N LEU A 97 -10.79 -6.74 -3.99
N LEU A 97 -10.68 -6.75 -3.99
CA LEU A 97 -11.19 -6.36 -2.60
CA LEU A 97 -11.10 -6.47 -2.59
C LEU A 97 -9.94 -5.95 -1.84
C LEU A 97 -9.88 -5.96 -1.84
N LEU A 98 -9.88 -4.69 -1.40
CA LEU A 98 -8.70 -4.14 -0.66
C LEU A 98 -9.13 -3.74 0.75
N VAL A 99 -8.53 -4.41 1.73
CA VAL A 99 -8.80 -4.11 3.17
C VAL A 99 -7.52 -3.53 3.77
N ASP A 100 -7.63 -2.44 4.54
CA ASP A 100 -6.39 -1.91 5.15
C ASP A 100 -6.61 -1.74 6.64
N SER A 101 -5.53 -1.46 7.36
CA SER A 101 -5.59 -1.41 8.83
C SER A 101 -4.44 -0.61 9.42
N ASP A 102 -4.65 -0.08 10.62
CA ASP A 102 -3.60 0.66 11.33
C ASP A 102 -4.02 0.82 12.78
N LEU A 103 -3.04 0.98 13.66
CA LEU A 103 -3.26 1.22 15.10
C LEU A 103 -4.01 2.55 15.25
N ASN A 104 -3.71 3.54 14.39
CA ASN A 104 -4.29 4.90 14.51
C ASN A 104 -5.32 5.13 13.40
N ASP A 105 -6.33 5.96 13.71
CA ASP A 105 -7.42 6.30 12.77
C ASP A 105 -6.83 7.02 11.55
N PHE A 106 -7.44 6.81 10.38
CA PHE A 106 -6.99 7.47 9.13
C PHE A 106 -8.10 7.32 8.10
N VAL A 107 -8.10 8.20 7.09
N VAL A 107 -8.07 8.18 7.08
CA VAL A 107 -9.13 8.14 6.00
CA VAL A 107 -9.03 8.19 5.95
C VAL A 107 -8.49 7.35 4.84
C VAL A 107 -8.45 7.32 4.84
N SER A 108 -9.22 6.39 4.28
CA SER A 108 -8.68 5.48 3.25
C SER A 108 -9.59 5.29 2.04
N ASP A 109 -8.99 4.82 0.94
CA ASP A 109 -9.66 4.49 -0.34
C ASP A 109 -9.96 2.99 -0.34
N ALA A 110 -9.53 2.28 0.70
CA ALA A 110 -9.79 0.82 0.78
C ALA A 110 -11.30 0.55 0.88
N ASP A 111 -11.71 -0.65 0.47
CA ASP A 111 -13.12 -1.10 0.56
C ASP A 111 -13.53 -1.14 2.03
N SER A 112 -12.63 -1.59 2.91
CA SER A 112 -12.91 -1.64 4.37
C SER A 112 -11.64 -1.28 5.13
N THR A 113 -11.78 -0.57 6.24
CA THR A 113 -10.62 -0.15 7.08
C THR A 113 -10.88 -0.57 8.53
N LEU A 114 -9.91 -1.27 9.14
CA LEU A 114 -10.02 -1.67 10.57
C LEU A 114 -8.97 -0.92 11.38
N ILE A 115 -9.40 -0.23 12.43
CA ILE A 115 -8.51 0.58 13.33
C ILE A 115 -8.25 -0.23 14.60
N GLY A 116 -7.00 -0.26 15.04
CA GLY A 116 -6.61 -0.99 16.26
C GLY A 116 -5.35 -1.80 16.03
N ASP A 117 -4.80 -2.37 17.10
CA ASP A 117 -3.58 -3.21 16.98
C ASP A 117 -3.88 -4.31 15.96
N CYS A 118 -2.91 -4.66 15.11
CA CYS A 118 -3.15 -5.72 14.09
C CYS A 118 -3.62 -7.01 14.77
N ALA A 119 -3.22 -7.26 16.01
CA ALA A 119 -3.63 -8.49 16.74
C ALA A 119 -5.15 -8.52 16.98
N THR A 120 -5.84 -7.38 16.82
CA THR A 120 -7.32 -7.34 17.05
C THR A 120 -8.05 -7.66 15.73
N VAL A 121 -7.31 -7.82 14.65
CA VAL A 121 -7.91 -8.09 13.31
C VAL A 121 -8.11 -9.59 13.12
N HIS A 122 -9.35 -10.01 12.83
CA HIS A 122 -9.70 -11.44 12.61
C HIS A 122 -10.39 -11.62 11.25
N THR A 123 -10.32 -12.84 10.71
CA THR A 123 -10.96 -13.21 9.42
C THR A 123 -10.75 -14.71 9.20
N ALA A 124 -11.82 -15.43 8.85
CA ALA A 124 -11.75 -16.88 8.54
C ALA A 124 -11.34 -17.05 7.06
N ASN A 125 -11.33 -15.95 6.31
CA ASN A 125 -11.02 -15.95 4.86
C ASN A 125 -9.52 -15.96 4.60
N LYS A 126 -9.12 -16.51 3.45
CA LYS A 126 -7.70 -16.52 3.02
C LYS A 126 -7.49 -15.36 2.05
N TRP A 127 -6.24 -14.91 1.93
CA TRP A 127 -5.90 -13.71 1.12
C TRP A 127 -4.91 -14.08 0.01
N ASP A 128 -4.88 -13.26 -1.05
CA ASP A 128 -4.03 -13.51 -2.23
C ASP A 128 -2.75 -12.69 -2.12
N LEU A 129 -2.80 -11.60 -1.35
CA LEU A 129 -1.62 -10.72 -1.22
C LEU A 129 -1.70 -10.00 0.11
N ILE A 130 -0.59 -10.03 0.86
CA ILE A 130 -0.49 -9.32 2.16
C ILE A 130 0.63 -8.29 2.05
N ILE A 131 0.30 -7.03 2.29
CA ILE A 131 1.30 -5.93 2.31
C ILE A 131 1.37 -5.43 3.75
N SER A 132 2.56 -5.30 4.31
CA SER A 132 2.69 -4.71 5.66
C SER A 132 3.70 -3.57 5.63
N ASP A 133 3.32 -2.42 6.16
CA ASP A 133 4.26 -1.28 6.28
C ASP A 133 4.36 -0.94 7.76
N MET A 134 3.99 -1.90 8.62
CA MET A 134 4.04 -1.65 10.08
C MET A 134 5.48 -1.47 10.54
N TYR A 135 5.65 -0.56 11.51
CA TYR A 135 6.94 -0.22 12.15
C TYR A 135 6.62 0.30 13.54
N ASP A 136 7.26 -0.26 14.56
CA ASP A 136 7.03 0.15 15.97
C ASP A 136 7.93 1.36 16.25
N PRO A 137 7.36 2.55 16.54
CA PRO A 137 8.16 3.74 16.83
C PRO A 137 9.26 3.50 17.88
N LYS A 138 9.04 2.56 18.80
CA LYS A 138 10.04 2.28 19.87
C LYS A 138 11.29 1.60 19.29
N THR A 139 11.21 1.12 18.04
CA THR A 139 12.38 0.48 17.40
C THR A 139 13.54 1.49 17.33
N LYS A 140 13.21 2.78 17.33
CA LYS A 140 14.23 3.87 17.29
C LYS A 140 15.05 3.88 18.60
N ASN A 141 14.46 3.35 19.67
CA ASN A 141 15.14 3.27 21.00
C ASN A 141 16.08 2.06 21.00
N VAL A 142 17.26 2.22 20.40
CA VAL A 142 18.27 1.12 20.31
C VAL A 142 19.13 1.17 21.58
N THR A 143 18.80 0.35 22.57
CA THR A 143 19.54 0.33 23.87
C THR A 143 20.23 -1.02 24.09
N LYS A 144 19.91 -2.03 23.27
CA LYS A 144 20.47 -3.38 23.46
C LYS A 144 20.95 -3.96 22.12
N GLU A 145 21.38 -5.22 22.15
CA GLU A 145 21.81 -5.93 20.94
C GLU A 145 20.62 -5.97 19.97
N ASN A 146 20.89 -5.90 18.68
CA ASN A 146 19.81 -5.92 17.65
C ASN A 146 19.29 -7.36 17.53
N ASP A 147 18.33 -7.72 18.37
N ASP A 147 18.31 -7.71 18.37
CA ASP A 147 17.76 -9.10 18.33
CA ASP A 147 17.74 -9.08 18.39
C ASP A 147 16.44 -9.11 17.57
C ASP A 147 16.43 -9.12 17.59
N SER A 148 15.98 -10.33 17.24
CA SER A 148 14.72 -10.53 16.49
C SER A 148 13.58 -9.87 17.28
N LYS A 149 12.71 -9.15 16.57
CA LYS A 149 11.60 -8.43 17.24
C LYS A 149 10.31 -9.24 17.15
N GLU A 150 9.46 -9.12 18.17
N GLU A 150 9.46 -9.14 18.17
CA GLU A 150 8.15 -9.82 18.20
CA GLU A 150 8.15 -9.83 18.20
C GLU A 150 7.08 -8.79 17.83
C GLU A 150 7.08 -8.80 17.82
N GLY A 151 6.20 -8.45 18.76
CA GLY A 151 5.15 -7.45 18.48
C GLY A 151 4.35 -7.86 17.25
N PHE A 152 4.13 -6.92 16.32
CA PHE A 152 3.31 -7.20 15.12
C PHE A 152 3.94 -8.31 14.25
N PHE A 153 5.26 -8.55 14.35
CA PHE A 153 5.84 -9.62 13.48
C PHE A 153 5.29 -10.99 13.86
N THR A 154 5.00 -11.21 15.14
CA THR A 154 4.42 -12.51 15.58
C THR A 154 3.05 -12.67 14.92
N TYR A 155 2.28 -11.58 14.88
CA TYR A 155 0.95 -11.62 14.24
C TYR A 155 1.08 -11.88 12.73
N ILE A 156 2.01 -11.17 12.07
N ILE A 156 2.01 -11.16 12.08
CA ILE A 156 2.19 -11.33 10.59
CA ILE A 156 2.27 -11.30 10.62
C ILE A 156 2.59 -12.78 10.27
C ILE A 156 2.59 -12.76 10.28
N CYS A 157 3.51 -13.36 11.04
CA CYS A 157 3.92 -14.77 10.78
C CYS A 157 2.71 -15.71 10.89
N GLY A 158 1.89 -15.53 11.93
CA GLY A 158 0.70 -16.40 12.10
C GLY A 158 -0.34 -16.13 11.01
N PHE A 159 -0.47 -14.87 10.59
CA PHE A 159 -1.45 -14.50 9.55
C PHE A 159 -1.04 -15.18 8.24
N ILE A 160 0.26 -15.17 7.93
CA ILE A 160 0.75 -15.84 6.68
C ILE A 160 0.49 -17.35 6.77
N GLN A 161 0.83 -17.95 7.92
CA GLN A 161 0.69 -19.42 8.08
C GLN A 161 -0.79 -19.85 8.09
N GLN A 162 -1.72 -18.99 8.50
CA GLN A 162 -3.15 -19.40 8.63
C GLN A 162 -4.07 -18.72 7.61
N LYS A 163 -3.72 -17.54 7.09
CA LYS A 163 -4.68 -16.80 6.23
C LYS A 163 -4.14 -16.51 4.83
N LEU A 164 -2.95 -16.98 4.46
CA LEU A 164 -2.47 -16.70 3.08
C LEU A 164 -2.82 -17.90 2.20
N ALA A 165 -3.47 -17.64 1.07
CA ALA A 165 -3.82 -18.73 0.12
C ALA A 165 -2.55 -19.31 -0.48
N LEU A 166 -2.54 -20.63 -0.72
CA LEU A 166 -1.37 -21.21 -1.44
C LEU A 166 -1.36 -20.49 -2.81
N GLY A 167 -0.17 -20.07 -3.25
CA GLY A 167 -0.02 -19.30 -4.49
C GLY A 167 0.05 -17.80 -4.21
N GLY A 168 -0.40 -17.40 -3.02
CA GLY A 168 -0.40 -15.97 -2.62
C GLY A 168 1.01 -15.45 -2.38
N SER A 169 1.13 -14.13 -2.25
CA SER A 169 2.45 -13.49 -2.04
C SER A 169 2.37 -12.45 -0.92
N VAL A 170 3.53 -12.03 -0.42
CA VAL A 170 3.58 -11.01 0.68
C VAL A 170 4.72 -10.05 0.40
N ALA A 171 4.59 -8.85 0.96
CA ALA A 171 5.63 -7.79 0.93
C ALA A 171 5.56 -7.17 2.32
N ILE A 172 6.54 -7.51 3.17
CA ILE A 172 6.55 -7.09 4.59
C ILE A 172 7.73 -6.14 4.83
N LYS A 173 7.44 -4.94 5.32
CA LYS A 173 8.53 -3.95 5.51
C LYS A 173 9.38 -4.32 6.72
N ILE A 174 10.70 -4.26 6.52
CA ILE A 174 11.69 -4.49 7.61
C ILE A 174 12.70 -3.35 7.54
N THR A 175 13.52 -3.23 8.59
CA THR A 175 14.62 -2.25 8.64
C THR A 175 15.77 -2.96 9.37
N GLU A 176 16.87 -2.25 9.59
CA GLU A 176 17.99 -2.88 10.32
C GLU A 176 17.50 -3.44 11.66
N HIS A 177 16.74 -2.64 12.41
CA HIS A 177 16.27 -3.02 13.78
C HIS A 177 14.84 -3.57 13.77
N SER A 178 14.03 -3.27 12.75
CA SER A 178 12.64 -3.79 12.68
C SER A 178 12.64 -5.06 11.81
N TRP A 179 12.87 -6.22 12.44
CA TRP A 179 12.97 -7.50 11.69
C TRP A 179 12.61 -8.65 12.62
N ASN A 180 12.34 -9.81 12.03
CA ASN A 180 11.95 -11.01 12.81
C ASN A 180 12.57 -12.25 12.15
N ALA A 181 13.19 -13.12 12.94
CA ALA A 181 13.87 -14.32 12.40
C ALA A 181 12.83 -15.30 11.80
N ASP A 182 11.69 -15.47 12.46
CA ASP A 182 10.64 -16.41 11.97
C ASP A 182 10.11 -15.93 10.62
N LEU A 183 10.02 -14.62 10.40
CA LEU A 183 9.54 -14.10 9.08
C LEU A 183 10.54 -14.52 7.99
N TYR A 184 11.84 -14.34 8.22
CA TYR A 184 12.83 -14.79 7.20
C TYR A 184 12.70 -16.29 6.96
N LYS A 185 12.54 -17.07 8.04
CA LYS A 185 12.38 -18.53 7.90
C LYS A 185 11.15 -18.83 7.02
N LEU A 186 10.06 -18.08 7.22
N LEU A 186 10.09 -18.05 7.21
CA LEU A 186 8.82 -18.29 6.42
CA LEU A 186 8.83 -18.25 6.46
C LEU A 186 9.08 -18.03 4.94
C LEU A 186 9.03 -17.97 4.97
N MET A 187 10.02 -17.13 4.62
CA MET A 187 10.32 -16.82 3.19
C MET A 187 10.70 -18.12 2.47
N GLY A 188 11.22 -19.11 3.20
CA GLY A 188 11.61 -20.41 2.62
C GLY A 188 10.39 -21.26 2.30
N HIS A 189 9.19 -20.79 2.63
CA HIS A 189 7.92 -21.53 2.37
C HIS A 189 7.27 -20.99 1.09
N PHE A 190 7.99 -20.16 0.34
CA PHE A 190 7.50 -19.57 -0.94
C PHE A 190 8.34 -20.12 -2.09
N ALA A 191 7.82 -20.05 -3.32
CA ALA A 191 8.54 -20.53 -4.51
C ALA A 191 9.81 -19.69 -4.68
N TRP A 192 9.76 -18.42 -4.26
CA TRP A 192 10.91 -17.51 -4.39
C TRP A 192 10.77 -16.39 -3.36
N TRP A 193 11.87 -15.73 -3.03
CA TRP A 193 11.79 -14.62 -2.05
C TRP A 193 12.96 -13.68 -2.27
N THR A 194 12.83 -12.45 -1.77
CA THR A 194 13.96 -11.51 -1.81
C THR A 194 13.71 -10.38 -0.81
N ALA A 195 14.74 -9.57 -0.60
CA ALA A 195 14.67 -8.34 0.19
C ALA A 195 14.79 -7.24 -0.86
N PHE A 196 13.74 -6.44 -1.03
CA PHE A 196 13.71 -5.39 -2.08
C PHE A 196 13.83 -4.00 -1.47
N VAL A 197 14.76 -3.21 -2.01
CA VAL A 197 15.03 -1.82 -1.54
C VAL A 197 14.53 -0.85 -2.62
N THR A 198 13.59 0.03 -2.28
CA THR A 198 13.10 1.03 -3.28
C THR A 198 14.24 2.01 -3.58
N ASN A 199 14.36 2.45 -4.83
CA ASN A 199 15.43 3.42 -5.17
C ASN A 199 15.17 4.77 -4.51
N VAL A 200 13.91 5.11 -4.20
CA VAL A 200 13.66 6.43 -3.56
C VAL A 200 14.08 6.37 -2.09
N ASN A 201 14.21 5.18 -1.51
CA ASN A 201 14.61 5.09 -0.08
C ASN A 201 15.93 4.31 0.02
N ALA A 202 16.78 4.43 -1.00
CA ALA A 202 18.09 3.75 -1.05
C ALA A 202 18.98 4.12 0.15
N SER A 203 18.72 5.29 0.76
CA SER A 203 19.49 5.81 1.90
C SER A 203 18.98 5.26 3.24
N SER A 204 18.00 4.35 3.20
CA SER A 204 17.44 3.75 4.42
C SER A 204 17.75 2.25 4.46
N SER A 205 17.82 1.65 5.66
CA SER A 205 18.03 0.20 5.80
C SER A 205 16.71 -0.53 5.53
N GLU A 206 15.66 0.24 5.26
CA GLU A 206 14.34 -0.35 4.95
C GLU A 206 14.45 -1.28 3.74
N ALA A 207 13.67 -2.35 3.80
CA ALA A 207 13.51 -3.27 2.65
C ALA A 207 12.14 -3.92 2.78
N PHE A 208 11.62 -4.38 1.65
CA PHE A 208 10.37 -5.17 1.71
C PHE A 208 10.78 -6.63 1.54
N LEU A 209 10.50 -7.45 2.56
N LEU A 209 10.47 -7.44 2.55
CA LEU A 209 10.73 -8.90 2.43
CA LEU A 209 10.76 -8.89 2.45
C LEU A 209 9.57 -9.43 1.59
C LEU A 209 9.60 -9.49 1.63
N ILE A 210 9.89 -9.96 0.41
CA ILE A 210 8.87 -10.46 -0.53
C ILE A 210 8.92 -11.99 -0.62
N GLY A 211 7.76 -12.60 -0.34
CA GLY A 211 7.55 -14.04 -0.49
C GLY A 211 6.68 -14.22 -1.72
N CYS A 212 7.21 -14.88 -2.75
CA CYS A 212 6.47 -15.00 -4.02
C CYS A 212 5.93 -16.43 -4.19
N ASN A 213 4.60 -16.58 -4.14
CA ASN A 213 3.88 -17.88 -4.35
C ASN A 213 4.06 -18.80 -3.13
N TYR A 214 3.13 -18.70 -2.17
CA TYR A 214 3.17 -19.48 -0.92
C TYR A 214 2.92 -20.97 -1.23
N LEU A 215 3.78 -21.85 -0.70
CA LEU A 215 3.68 -23.31 -0.98
C LEU A 215 3.15 -24.05 0.25
N GLY A 216 3.01 -23.38 1.40
CA GLY A 216 2.45 -24.00 2.61
C GLY A 216 3.36 -25.02 3.28
N LYS A 217 4.58 -25.16 2.75
CA LYS A 217 5.58 -26.10 3.32
C LYS A 217 6.96 -25.53 2.99
N PRO A 218 8.02 -25.92 3.72
CA PRO A 218 9.35 -25.37 3.44
C PRO A 218 9.98 -25.94 2.16
N ARG A 219 10.37 -25.06 1.23
N ARG A 219 10.37 -25.05 1.25
CA ARG A 219 11.07 -25.54 0.00
CA ARG A 219 11.05 -25.44 -0.02
C ARG A 219 12.58 -25.46 0.28
C ARG A 219 12.56 -25.42 0.25
N GLU A 220 12.97 -24.56 1.19
CA GLU A 220 14.39 -24.39 1.59
C GLU A 220 14.40 -23.98 3.07
N GLN A 221 15.44 -24.40 3.79
CA GLN A 221 15.57 -24.06 5.23
C GLN A 221 16.34 -22.73 5.33
N ILE A 222 15.73 -21.74 5.97
CA ILE A 222 16.39 -20.42 6.15
C ILE A 222 16.54 -20.13 7.64
N ASP A 223 17.76 -19.79 8.05
CA ASP A 223 18.04 -19.34 9.43
C ASP A 223 17.86 -17.82 9.40
N GLY A 224 16.83 -17.32 10.10
CA GLY A 224 16.47 -15.88 10.12
C GLY A 224 17.56 -14.98 10.64
N TYR A 225 18.26 -15.37 11.72
N TYR A 225 18.28 -15.41 11.69
CA TYR A 225 19.38 -14.53 12.24
CA TYR A 225 19.38 -14.64 12.30
C TYR A 225 20.48 -14.43 11.19
C TYR A 225 20.51 -14.47 11.27
N VAL A 226 20.85 -15.56 10.57
CA VAL A 226 21.90 -15.54 9.51
C VAL A 226 21.40 -14.70 8.33
N MET A 227 20.13 -14.85 7.93
CA MET A 227 19.70 -14.14 6.69
C MET A 227 19.63 -12.63 6.94
N HIS A 228 19.23 -12.18 8.13
CA HIS A 228 19.20 -10.71 8.38
C HIS A 228 20.64 -10.20 8.38
N ALA A 229 21.57 -10.97 8.97
CA ALA A 229 22.99 -10.57 8.95
C ALA A 229 23.44 -10.45 7.49
N ASN A 230 23.04 -11.41 6.65
CA ASN A 230 23.39 -11.40 5.21
C ASN A 230 22.81 -10.15 4.55
N TYR A 231 21.58 -9.79 4.92
CA TYR A 231 20.89 -8.59 4.37
C TYR A 231 21.69 -7.33 4.74
N ILE A 232 22.07 -7.18 6.01
CA ILE A 232 22.84 -5.98 6.44
C ILE A 232 24.21 -5.96 5.76
N PHE A 233 24.87 -7.12 5.64
CA PHE A 233 26.19 -7.16 4.95
C PHE A 233 26.01 -6.65 3.51
N TRP A 234 24.96 -7.12 2.84
CA TRP A 234 24.68 -6.64 1.45
C TRP A 234 24.51 -5.11 1.46
N ARG A 235 23.63 -4.59 2.33
CA ARG A 235 23.37 -3.12 2.37
C ARG A 235 24.65 -2.35 2.72
N ASN A 236 25.48 -2.87 3.63
CA ASN A 236 26.74 -2.18 4.06
C ASN A 236 27.80 -2.17 2.97
N THR A 237 27.78 -3.12 2.03
CA THR A 237 28.88 -3.19 1.04
C THR A 237 28.36 -2.84 -0.36
N ASN A 238 27.08 -2.50 -0.48
CA ASN A 238 26.53 -2.14 -1.82
C ASN A 238 25.72 -0.85 -1.72
N PRO A 239 26.40 0.31 -1.73
CA PRO A 239 25.70 1.59 -1.68
C PRO A 239 24.74 1.66 -2.86
N ILE A 240 23.53 2.13 -2.61
CA ILE A 240 22.51 2.28 -3.69
C ILE A 240 22.31 3.77 -3.89
N GLN A 241 22.39 4.24 -5.14
CA GLN A 241 22.18 5.67 -5.44
C GLN A 241 20.69 5.98 -5.37
N LEU A 242 20.33 7.04 -4.66
CA LEU A 242 18.92 7.49 -4.60
C LEU A 242 18.45 7.72 -6.03
N SER A 243 17.26 7.25 -6.38
CA SER A 243 16.77 7.50 -7.76
C SER A 243 15.24 7.48 -7.82
N SER A 244 14.67 8.44 -8.53
N SER A 244 14.69 8.46 -8.53
CA SER A 244 13.21 8.52 -8.73
CA SER A 244 13.22 8.60 -8.75
C SER A 244 12.89 8.33 -10.22
C SER A 244 12.91 8.38 -10.23
N TYR A 245 13.90 7.91 -11.00
CA TYR A 245 13.73 7.75 -12.47
C TYR A 245 12.51 6.87 -12.84
N SER A 246 12.30 5.74 -12.17
CA SER A 246 11.20 4.82 -12.59
C SER A 246 9.80 5.45 -12.36
N LEU A 247 9.71 6.49 -11.53
CA LEU A 247 8.39 7.12 -11.24
C LEU A 247 7.83 7.85 -12.47
N PHE A 248 8.69 8.22 -13.42
CA PHE A 248 8.25 9.06 -14.57
C PHE A 248 7.57 8.25 -15.68
N ASP A 249 7.74 6.92 -15.70
CA ASP A 249 7.05 6.12 -16.76
C ASP A 249 6.06 5.18 -16.08
N MET A 250 4.78 5.56 -16.12
CA MET A 250 3.67 4.81 -15.49
C MET A 250 2.83 4.08 -16.54
N SER A 251 3.27 4.04 -17.80
CA SER A 251 2.49 3.41 -18.89
C SER A 251 2.15 1.94 -18.60
N LYS A 252 3.06 1.17 -18.02
CA LYS A 252 2.76 -0.27 -17.78
C LYS A 252 2.57 -0.53 -16.27
N PHE A 253 2.08 0.46 -15.53
CA PHE A 253 2.01 0.33 -14.05
C PHE A 253 0.96 -0.69 -13.58
N PRO A 254 -0.28 -0.65 -14.09
CA PRO A 254 -1.33 -1.54 -13.59
C PRO A 254 -0.93 -3.03 -13.61
N LEU A 255 -1.23 -3.74 -12.51
CA LEU A 255 -0.96 -5.20 -12.40
C LEU A 255 -1.75 -5.93 -13.50
N LYS A 256 -1.07 -6.76 -14.29
CA LYS A 256 -1.73 -7.54 -15.39
C LYS A 256 -2.80 -8.45 -14.79
N LEU A 257 -4.05 -8.30 -15.26
CA LEU A 257 -5.15 -9.18 -14.77
C LEU A 257 -4.94 -10.54 -15.44
N ARG A 258 -4.39 -11.52 -14.72
CA ARG A 258 -4.05 -12.86 -15.25
C ARG A 258 -5.24 -13.82 -15.15
N GLY A 259 -6.28 -13.48 -14.39
CA GLY A 259 -7.45 -14.37 -14.24
C GLY A 259 -7.02 -15.74 -13.72
N THR A 260 -6.00 -15.74 -12.87
CA THR A 260 -5.41 -16.95 -12.24
C THR A 260 -6.52 -17.87 -11.71
N ALA A 261 -6.42 -19.18 -11.98
CA ALA A 261 -7.46 -20.12 -11.51
C ALA A 261 -7.47 -20.18 -9.98
N VAL A 262 -8.66 -20.27 -9.41
CA VAL A 262 -8.86 -20.40 -7.93
C VAL A 262 -9.52 -21.75 -7.68
N MET A 263 -8.85 -22.65 -6.96
CA MET A 263 -9.44 -24.00 -6.68
C MET A 263 -9.40 -24.27 -5.18
N SER A 264 -10.27 -25.19 -4.74
CA SER A 264 -10.32 -25.65 -3.33
C SER A 264 -9.71 -27.05 -3.29
N LEU A 265 -8.54 -27.22 -2.67
CA LEU A 265 -7.90 -28.56 -2.61
C LEU A 265 -7.55 -28.91 -1.16
N LYS A 266 -7.65 -30.20 -0.81
CA LYS A 266 -7.28 -30.70 0.54
C LYS A 266 -5.74 -30.74 0.60
N GLU A 267 -5.16 -30.68 1.79
CA GLU A 267 -3.67 -30.67 1.93
C GLU A 267 -3.09 -31.96 1.33
N GLY A 268 -3.87 -33.04 1.29
CA GLY A 268 -3.40 -34.32 0.73
C GLY A 268 -3.44 -34.34 -0.79
N GLN A 269 -3.98 -33.28 -1.41
CA GLN A 269 -4.10 -33.19 -2.89
C GLN A 269 -3.04 -32.22 -3.45
N ILE A 270 -2.17 -31.68 -2.59
CA ILE A 270 -1.11 -30.73 -3.02
C ILE A 270 0.10 -31.53 -3.52
N ASN A 271 0.08 -31.98 -4.78
CA ASN A 271 1.20 -32.79 -5.35
C ASN A 271 2.21 -31.87 -6.05
N ASP A 272 3.24 -32.45 -6.66
CA ASP A 272 4.31 -31.69 -7.36
C ASP A 272 3.73 -30.95 -8.57
N MET A 273 2.71 -31.52 -9.22
CA MET A 273 2.06 -30.87 -10.39
C MET A 273 1.37 -29.58 -9.91
N ILE A 274 0.73 -29.62 -8.74
CA ILE A 274 0.03 -28.43 -8.17
C ILE A 274 1.08 -27.40 -7.74
N LEU A 275 2.15 -27.85 -7.06
CA LEU A 275 3.24 -26.95 -6.61
C LEU A 275 3.84 -26.21 -7.82
N SER A 276 3.98 -26.92 -8.95
N SER A 276 3.98 -26.92 -8.95
CA SER A 276 4.54 -26.29 -10.18
CA SER A 276 4.54 -26.30 -10.18
C SER A 276 3.64 -25.14 -10.63
C SER A 276 3.63 -25.15 -10.64
N LEU A 277 2.32 -25.33 -10.56
CA LEU A 277 1.34 -24.27 -10.97
C LEU A 277 1.42 -23.11 -9.98
N LEU A 278 1.44 -23.41 -8.68
CA LEU A 278 1.55 -22.36 -7.63
C LEU A 278 2.82 -21.52 -7.86
N SER A 279 3.94 -22.20 -8.14
CA SER A 279 5.28 -21.58 -8.32
C SER A 279 5.33 -20.68 -9.57
N LYS A 280 4.34 -20.77 -10.45
CA LYS A 280 4.37 -19.96 -11.71
C LYS A 280 3.30 -18.86 -11.64
N GLY A 281 2.63 -18.71 -10.50
CA GLY A 281 1.58 -17.70 -10.38
C GLY A 281 0.34 -18.09 -11.17
N ARG A 282 0.18 -19.39 -11.48
CA ARG A 282 -1.01 -19.84 -12.27
C ARG A 282 -2.07 -20.50 -11.39
N LEU A 283 -1.94 -20.47 -10.06
CA LEU A 283 -2.98 -21.14 -9.22
C LEU A 283 -3.05 -20.53 -7.82
N ILE A 284 -4.28 -20.35 -7.33
CA ILE A 284 -4.60 -19.86 -5.97
C ILE A 284 -5.48 -20.94 -5.33
N ILE A 285 -5.09 -21.41 -4.13
CA ILE A 285 -5.87 -22.47 -3.41
C ILE A 285 -6.54 -21.84 -2.19
N ARG A 286 -7.87 -21.79 -2.22
CA ARG A 286 -8.74 -21.26 -1.14
C ARG A 286 -10.20 -21.36 -1.60
N GLU A 287 -11.15 -21.25 -0.66
CA GLU A 287 -12.58 -21.24 -1.04
C GLU A 287 -12.87 -19.85 -1.62
N ASN A 288 -14.02 -19.64 -2.27
CA ASN A 288 -14.33 -18.30 -2.83
C ASN A 288 -15.58 -17.75 -2.12
N ASN A 289 -15.68 -18.03 -0.82
CA ASN A 289 -16.82 -17.58 0.04
C ASN A 289 -16.78 -16.06 0.22
N ARG A 290 -17.84 -15.48 0.78
CA ARG A 290 -17.85 -14.01 1.02
C ARG A 290 -16.70 -13.67 1.99
N VAL A 291 -16.11 -12.49 1.82
CA VAL A 291 -14.99 -12.05 2.70
C VAL A 291 -15.57 -11.33 3.92
N VAL A 292 -15.29 -11.87 5.10
CA VAL A 292 -15.78 -11.28 6.38
C VAL A 292 -14.56 -10.97 7.27
N ILE A 293 -14.51 -9.76 7.80
CA ILE A 293 -13.39 -9.33 8.68
C ILE A 293 -13.99 -8.75 9.95
N SER A 294 -13.22 -8.75 11.04
CA SER A 294 -13.72 -8.19 12.32
C SER A 294 -12.54 -7.63 13.12
N SER A 295 -12.85 -6.64 13.96
CA SER A 295 -11.87 -5.97 14.85
C SER A 295 -12.31 -6.24 16.30
N ASP A 296 -11.49 -6.96 17.07
CA ASP A 296 -11.81 -7.24 18.49
C ASP A 296 -11.91 -5.92 19.26
N VAL A 297 -13.00 -5.76 20.03
CA VAL A 297 -13.19 -4.54 20.87
C VAL A 297 -13.10 -4.97 22.34
N LEU A 298 -12.18 -4.37 23.09
CA LEU A 298 -12.03 -4.66 24.54
C LEU A 298 -13.08 -3.84 25.29
N VAL A 299 -13.92 -4.50 26.08
CA VAL A 299 -14.99 -3.78 26.84
C VAL A 299 -14.46 -3.54 28.27
N ASN A 300 -14.41 -2.26 28.68
CA ASN A 300 -13.91 -1.85 30.03
C ASN A 300 -14.79 -0.72 30.59
N ASN A 301 -14.61 -0.41 31.88
CA ASN A 301 -15.37 0.67 32.58
C ASN A 301 -14.92 2.03 32.03
N ASN B 13 -34.62 12.94 15.08
CA ASN B 13 -33.86 13.36 13.87
C ASN B 13 -34.34 14.73 13.40
N SER B 14 -35.66 14.94 13.36
CA SER B 14 -36.27 16.22 12.91
C SER B 14 -35.50 17.42 13.49
N THR B 15 -35.44 17.53 14.81
CA THR B 15 -34.75 18.66 15.50
C THR B 15 -33.22 18.55 15.37
N VAL B 16 -32.70 17.34 15.17
CA VAL B 16 -31.22 17.13 15.03
C VAL B 16 -30.80 17.57 13.61
N LEU B 17 -31.55 17.14 12.58
CA LEU B 17 -31.26 17.49 11.16
C LEU B 17 -31.54 18.99 10.93
N SER B 18 -32.58 19.54 11.57
CA SER B 18 -32.91 20.98 11.45
C SER B 18 -31.71 21.82 11.89
N PHE B 19 -31.07 21.41 13.00
CA PHE B 19 -29.88 22.12 13.55
C PHE B 19 -28.67 21.92 12.62
N CYS B 20 -28.40 20.68 12.22
CA CYS B 20 -27.23 20.37 11.35
C CYS B 20 -27.30 21.21 10.07
N ALA B 21 -28.48 21.29 9.42
CA ALA B 21 -28.66 22.08 8.18
C ALA B 21 -28.25 23.54 8.43
N PHE B 22 -28.63 24.08 9.59
CA PHE B 22 -28.29 25.49 9.94
C PHE B 22 -26.78 25.63 10.17
N ALA B 23 -26.21 24.90 11.12
CA ALA B 23 -24.78 25.11 11.48
C ALA B 23 -23.78 24.31 10.63
N VAL B 24 -24.02 23.01 10.44
CA VAL B 24 -23.10 22.13 9.66
C VAL B 24 -23.34 22.47 8.19
N ASP B 25 -22.57 23.41 7.66
CA ASP B 25 -22.64 23.83 6.24
C ASP B 25 -21.16 23.89 5.80
N ALA B 26 -20.48 22.75 5.89
CA ALA B 26 -19.07 22.56 5.51
C ALA B 26 -18.73 23.34 4.22
N ALA B 27 -19.43 23.04 3.13
CA ALA B 27 -19.18 23.72 1.82
C ALA B 27 -19.00 25.22 2.01
N LYS B 28 -20.01 25.89 2.60
CA LYS B 28 -19.97 27.36 2.83
C LYS B 28 -18.85 27.70 3.84
N ALA B 29 -18.79 26.95 4.94
CA ALA B 29 -17.79 27.18 6.01
C ALA B 29 -16.37 27.18 5.44
N TYR B 30 -16.01 26.15 4.66
CA TYR B 30 -14.64 26.04 4.08
C TYR B 30 -14.41 27.23 3.15
N LYS B 31 -15.44 27.60 2.37
CA LYS B 31 -15.34 28.75 1.42
C LYS B 31 -15.06 30.02 2.23
N ASP B 32 -15.69 30.16 3.40
CA ASP B 32 -15.48 31.34 4.29
C ASP B 32 -14.09 31.25 4.92
N TYR B 33 -13.67 30.03 5.29
CA TYR B 33 -12.33 29.78 5.90
C TYR B 33 -11.24 30.26 4.95
N LEU B 34 -11.37 29.96 3.65
CA LEU B 34 -10.38 30.39 2.64
C LEU B 34 -10.46 31.92 2.46
N ALA B 35 -11.68 32.47 2.50
CA ALA B 35 -11.88 33.93 2.36
C ALA B 35 -11.19 34.68 3.51
N SER B 36 -11.19 34.06 4.70
N SER B 36 -11.19 34.06 4.70
CA SER B 36 -10.56 34.67 5.91
CA SER B 36 -10.56 34.67 5.91
C SER B 36 -9.05 34.41 5.90
C SER B 36 -9.05 34.41 5.90
N GLY B 37 -8.51 33.85 4.82
CA GLY B 37 -7.06 33.58 4.69
C GLY B 37 -6.66 32.26 5.31
N GLY B 38 -7.60 31.33 5.47
CA GLY B 38 -7.29 30.01 6.06
C GLY B 38 -6.45 29.16 5.12
N GLN B 39 -5.42 28.49 5.63
CA GLN B 39 -4.53 27.63 4.81
C GLN B 39 -5.32 26.42 4.32
N PRO B 40 -5.37 26.16 2.99
CA PRO B 40 -6.11 25.02 2.44
C PRO B 40 -5.71 23.66 3.05
N ILE B 41 -6.67 22.73 3.11
CA ILE B 41 -6.40 21.36 3.65
C ILE B 41 -5.27 20.73 2.81
N THR B 42 -4.24 20.24 3.50
CA THR B 42 -3.05 19.62 2.86
C THR B 42 -3.12 18.09 2.94
N ASN B 43 -2.07 17.43 2.45
CA ASN B 43 -1.94 15.94 2.49
C ASN B 43 -2.95 15.28 1.55
N CYS B 44 -3.47 16.02 0.56
CA CYS B 44 -4.29 15.34 -0.48
C CYS B 44 -3.28 14.44 -1.22
N VAL B 45 -3.61 13.16 -1.43
CA VAL B 45 -2.62 12.19 -1.99
C VAL B 45 -2.57 12.29 -3.52
N LYS B 46 -1.54 12.95 -4.05
CA LYS B 46 -1.38 13.07 -5.51
C LYS B 46 -0.75 11.77 -6.04
N MET B 47 -1.31 11.23 -7.12
CA MET B 47 -0.84 9.95 -7.68
C MET B 47 0.14 10.18 -8.84
N LEU B 48 1.02 9.21 -9.05
CA LEU B 48 1.89 9.21 -10.25
C LEU B 48 1.02 8.62 -11.37
N CYS B 49 1.01 9.25 -12.54
CA CYS B 49 0.20 8.74 -13.66
C CYS B 49 0.78 9.24 -14.98
N THR B 50 0.27 8.74 -16.11
CA THR B 50 0.78 9.09 -17.45
C THR B 50 0.39 10.52 -17.85
N HIS B 51 -0.71 11.05 -17.30
CA HIS B 51 -1.22 12.39 -17.71
C HIS B 51 -1.69 12.33 -19.17
N THR B 52 -2.14 11.15 -19.60
CA THR B 52 -2.71 10.95 -20.97
C THR B 52 -4.05 10.23 -20.80
N GLY B 53 -4.75 10.52 -19.69
CA GLY B 53 -6.05 9.89 -19.37
C GLY B 53 -7.23 10.59 -20.03
N THR B 54 -8.45 10.11 -19.73
CA THR B 54 -9.71 10.65 -20.32
C THR B 54 -9.98 12.08 -19.83
N GLY B 55 -9.52 12.42 -18.63
CA GLY B 55 -9.78 13.78 -18.09
C GLY B 55 -11.12 13.87 -17.37
N GLN B 56 -11.85 12.76 -17.21
CA GLN B 56 -13.13 12.80 -16.46
C GLN B 56 -12.82 13.12 -14.99
N ALA B 57 -13.80 13.70 -14.28
CA ALA B 57 -13.66 14.20 -12.89
C ALA B 57 -13.33 13.11 -11.86
N ILE B 58 -14.21 12.12 -11.69
CA ILE B 58 -14.04 11.04 -10.68
C ILE B 58 -14.00 9.70 -11.41
N THR B 59 -12.89 8.95 -11.28
CA THR B 59 -12.69 7.69 -12.04
C THR B 59 -12.20 6.54 -11.14
N VAL B 60 -12.27 5.30 -11.65
CA VAL B 60 -11.86 4.10 -10.87
C VAL B 60 -10.33 4.03 -10.80
N THR B 61 -9.64 4.70 -11.72
CA THR B 61 -8.16 4.74 -11.77
C THR B 61 -7.76 6.15 -12.19
N PRO B 62 -6.53 6.64 -11.88
CA PRO B 62 -6.11 7.97 -12.30
C PRO B 62 -6.36 8.20 -13.80
N GLU B 63 -7.03 9.30 -14.14
CA GLU B 63 -7.34 9.62 -15.57
C GLU B 63 -6.93 11.06 -15.88
N ALA B 64 -5.97 11.61 -15.14
CA ALA B 64 -5.53 13.00 -15.38
C ALA B 64 -5.06 13.17 -16.83
N ASN B 65 -5.38 14.32 -17.41
CA ASN B 65 -4.91 14.65 -18.78
C ASN B 65 -3.66 15.51 -18.59
N MET B 66 -3.15 16.12 -19.66
CA MET B 66 -1.92 16.95 -19.57
C MET B 66 -2.17 18.22 -18.74
N ASP B 67 -3.43 18.55 -18.47
CA ASP B 67 -3.78 19.79 -17.71
C ASP B 67 -4.32 19.45 -16.32
N GLN B 68 -4.14 18.20 -15.87
CA GLN B 68 -4.71 17.81 -14.56
C GLN B 68 -3.73 16.99 -13.72
N GLU B 69 -4.04 16.90 -12.43
CA GLU B 69 -3.34 16.07 -11.43
C GLU B 69 -4.38 15.09 -10.90
N SER B 70 -4.00 13.83 -10.65
CA SER B 70 -4.94 12.82 -10.10
C SER B 70 -4.63 12.65 -8.61
N PHE B 71 -5.68 12.59 -7.79
CA PHE B 71 -5.48 12.40 -6.34
C PHE B 71 -6.35 11.26 -5.82
N GLY B 72 -5.89 10.59 -4.75
CA GLY B 72 -6.74 9.60 -4.06
C GLY B 72 -7.97 10.33 -3.60
N GLY B 73 -9.17 9.81 -3.90
CA GLY B 73 -10.44 10.51 -3.61
C GLY B 73 -10.68 10.82 -2.14
N ALA B 74 -10.57 9.81 -1.27
CA ALA B 74 -10.87 9.99 0.18
C ALA B 74 -10.09 11.19 0.75
N SER B 75 -8.83 11.36 0.33
CA SER B 75 -7.97 12.46 0.88
C SER B 75 -8.43 13.85 0.40
N CYS B 76 -9.29 13.91 -0.63
CA CYS B 76 -9.78 15.21 -1.19
C CYS B 76 -11.23 15.46 -0.76
N CYS B 77 -11.78 14.58 0.07
CA CYS B 77 -13.18 14.69 0.54
C CYS B 77 -13.23 15.42 1.89
N LEU B 78 -13.82 16.61 1.93
CA LEU B 78 -13.92 17.41 3.19
C LEU B 78 -14.56 16.56 4.29
N TYR B 79 -15.62 15.83 3.95
CA TYR B 79 -16.38 15.01 4.92
C TYR B 79 -15.50 13.87 5.45
N CYS B 80 -14.73 13.22 4.58
CA CYS B 80 -13.82 12.14 5.04
C CYS B 80 -12.73 12.74 5.93
N ARG B 81 -12.08 13.81 5.46
CA ARG B 81 -10.95 14.45 6.18
C ARG B 81 -11.39 15.05 7.52
N CYS B 82 -12.61 15.58 7.61
CA CYS B 82 -13.08 16.22 8.86
C CYS B 82 -13.87 15.23 9.74
N HIS B 83 -14.05 14.00 9.26
CA HIS B 83 -14.80 12.95 10.02
C HIS B 83 -16.21 13.45 10.35
N ILE B 84 -16.90 14.03 9.36
CA ILE B 84 -18.30 14.51 9.54
C ILE B 84 -19.18 13.77 8.52
N ASP B 85 -20.44 13.49 8.88
CA ASP B 85 -21.38 12.76 7.99
C ASP B 85 -21.42 13.40 6.60
N HIS B 86 -21.65 12.58 5.56
CA HIS B 86 -21.74 13.07 4.17
C HIS B 86 -23.18 13.49 3.88
N PRO B 87 -23.41 14.58 3.12
CA PRO B 87 -24.77 15.03 2.80
C PRO B 87 -25.48 14.09 1.80
N ASN B 88 -24.72 13.38 0.97
CA ASN B 88 -25.26 12.44 -0.04
C ASN B 88 -26.15 11.41 0.64
N PRO B 89 -27.10 10.76 -0.10
CA PRO B 89 -27.99 9.77 0.49
C PRO B 89 -27.26 8.60 1.17
N LYS B 90 -27.71 8.22 2.36
CA LYS B 90 -27.14 7.09 3.17
C LYS B 90 -25.65 7.37 3.46
N GLY B 91 -25.27 8.65 3.56
CA GLY B 91 -23.87 9.04 3.85
C GLY B 91 -22.89 8.43 2.86
N PHE B 92 -23.34 8.25 1.61
CA PHE B 92 -22.49 7.66 0.53
C PHE B 92 -21.47 8.70 0.05
N CYS B 93 -20.19 8.33 0.05
CA CYS B 93 -19.13 9.25 -0.43
C CYS B 93 -18.92 9.03 -1.94
N ASP B 94 -18.75 10.13 -2.69
CA ASP B 94 -18.54 10.06 -4.17
C ASP B 94 -17.05 10.03 -4.51
N LEU B 95 -16.16 10.23 -3.51
CA LEU B 95 -14.70 10.30 -3.80
C LEU B 95 -13.95 9.09 -3.22
N LYS B 96 -14.34 8.61 -2.05
CA LYS B 96 -13.66 7.47 -1.39
C LYS B 96 -13.57 6.26 -2.32
N GLY B 97 -12.36 5.69 -2.46
CA GLY B 97 -12.13 4.49 -3.30
C GLY B 97 -12.00 4.82 -4.77
N LYS B 98 -12.04 6.11 -5.13
CA LYS B 98 -11.93 6.56 -6.54
C LYS B 98 -10.76 7.54 -6.65
N TYR B 99 -10.53 8.04 -7.87
CA TYR B 99 -9.47 9.05 -8.14
C TYR B 99 -10.14 10.30 -8.69
N VAL B 100 -9.79 11.46 -8.13
CA VAL B 100 -10.41 12.74 -8.59
C VAL B 100 -9.36 13.50 -9.41
N GLN B 101 -9.75 13.96 -10.59
CA GLN B 101 -8.85 14.77 -11.47
C GLN B 101 -9.07 16.25 -11.12
N ILE B 102 -7.98 16.96 -10.84
CA ILE B 102 -8.04 18.40 -10.45
C ILE B 102 -7.20 19.19 -11.44
N PRO B 103 -7.73 20.29 -12.02
CA PRO B 103 -6.95 21.13 -12.93
C PRO B 103 -5.64 21.50 -12.23
N THR B 104 -4.51 21.44 -12.93
CA THR B 104 -3.19 21.75 -12.33
C THR B 104 -3.23 23.14 -11.67
N THR B 105 -3.95 24.10 -12.25
CA THR B 105 -4.04 25.48 -11.70
C THR B 105 -4.75 25.50 -10.34
N CYS B 106 -5.52 24.45 -10.01
CA CYS B 106 -6.27 24.41 -8.72
C CYS B 106 -5.80 23.25 -7.82
N ALA B 107 -4.73 22.55 -8.23
CA ALA B 107 -4.21 21.37 -7.49
C ALA B 107 -3.70 21.72 -6.08
N ASN B 108 -3.53 23.02 -5.80
N ASN B 108 -3.50 23.01 -5.79
CA ASN B 108 -3.03 23.49 -4.47
CA ASN B 108 -3.02 23.45 -4.45
C ASN B 108 -4.15 23.36 -3.42
C ASN B 108 -4.15 23.35 -3.42
N ASP B 109 -5.39 23.13 -3.85
CA ASP B 109 -6.54 23.02 -2.91
C ASP B 109 -7.59 22.07 -3.50
N PRO B 110 -7.30 20.75 -3.56
CA PRO B 110 -8.27 19.78 -4.11
C PRO B 110 -9.60 19.74 -3.35
N VAL B 111 -9.56 19.83 -2.01
CA VAL B 111 -10.81 19.79 -1.19
C VAL B 111 -11.69 20.97 -1.62
N GLY B 112 -11.11 22.18 -1.70
CA GLY B 112 -11.87 23.37 -2.11
C GLY B 112 -12.43 23.21 -3.50
N PHE B 113 -11.68 22.60 -4.42
CA PHE B 113 -12.16 22.44 -5.82
C PHE B 113 -13.34 21.48 -5.87
N THR B 114 -13.24 20.31 -5.23
CA THR B 114 -14.34 19.30 -5.25
C THR B 114 -15.62 19.89 -4.64
N LEU B 115 -15.49 20.78 -3.65
CA LEU B 115 -16.66 21.42 -2.99
C LEU B 115 -17.32 22.42 -3.94
N LYS B 116 -16.55 23.41 -4.41
CA LYS B 116 -17.04 24.52 -5.27
C LYS B 116 -17.45 24.05 -6.68
N ASN B 117 -17.08 22.83 -7.10
CA ASN B 117 -17.44 22.37 -8.46
C ASN B 117 -18.33 21.11 -8.42
N THR B 118 -19.05 20.87 -9.52
CA THR B 118 -19.96 19.70 -9.66
C THR B 118 -19.63 18.99 -10.98
N VAL B 119 -19.85 17.66 -11.03
CA VAL B 119 -19.54 16.84 -12.23
C VAL B 119 -20.76 16.77 -13.16
N CYS B 120 -20.51 16.75 -14.48
CA CYS B 120 -21.57 16.63 -15.52
C CYS B 120 -21.99 15.16 -15.62
N THR B 121 -23.27 14.88 -15.36
CA THR B 121 -23.81 13.48 -15.35
C THR B 121 -23.83 12.88 -16.76
N VAL B 122 -23.44 13.62 -17.80
CA VAL B 122 -23.50 13.08 -19.20
C VAL B 122 -22.10 12.69 -19.68
N CYS B 123 -21.15 13.63 -19.67
CA CYS B 123 -19.78 13.37 -20.17
C CYS B 123 -18.83 12.94 -19.04
N GLY B 124 -19.20 13.21 -17.78
CA GLY B 124 -18.36 12.85 -16.63
C GLY B 124 -17.23 13.84 -16.40
N MET B 125 -17.25 14.97 -17.12
CA MET B 125 -16.20 16.02 -16.96
C MET B 125 -16.66 17.02 -15.91
N TRP B 126 -15.72 17.80 -15.34
CA TRP B 126 -16.12 18.86 -14.38
C TRP B 126 -16.83 19.98 -15.16
N LYS B 127 -17.93 20.50 -14.63
CA LYS B 127 -18.65 21.62 -15.29
C LYS B 127 -17.75 22.85 -15.20
N GLY B 128 -17.39 23.44 -16.35
CA GLY B 128 -16.51 24.62 -16.40
C GLY B 128 -15.04 24.25 -16.45
N TYR B 129 -14.73 22.95 -16.45
CA TYR B 129 -13.32 22.47 -16.52
C TYR B 129 -13.23 21.17 -17.32
N GLY B 130 -13.82 21.15 -18.53
CA GLY B 130 -13.77 19.95 -19.39
C GLY B 130 -15.11 19.64 -20.05
N CYS B 131 -16.22 19.93 -19.36
CA CYS B 131 -17.57 19.64 -19.93
C CYS B 131 -17.87 20.62 -21.06
N SER B 132 -18.12 20.09 -22.26
CA SER B 132 -18.44 20.93 -23.45
C SER B 132 -19.77 20.45 -24.07
N CYS B 133 -20.69 19.98 -23.22
CA CYS B 133 -22.02 19.48 -23.68
C CYS B 133 -22.88 20.66 -24.20
N ASP B 134 -22.54 21.89 -23.81
CA ASP B 134 -23.32 23.10 -24.23
C ASP B 134 -22.70 23.68 -25.52
N GLN B 135 -22.52 22.84 -26.55
CA GLN B 135 -21.96 23.27 -27.85
C GLN B 135 -22.64 22.50 -28.99
#